data_7Y49
#
_entry.id   7Y49
#
_cell.length_a   1.00
_cell.length_b   1.00
_cell.length_c   1.00
_cell.angle_alpha   90.00
_cell.angle_beta   90.00
_cell.angle_gamma   90.00
#
_symmetry.space_group_name_H-M   'P 1'
#
_entity_poly.entity_id   1
_entity_poly.type   'polypeptide(L)'
_entity_poly.pdbx_seq_one_letter_code
;MAGLPEARKLLGLAYPERRRLAAAVGFLTMSSVISMSAPFFLGKIIDVIYTNPTVDYSDNLTRLCLGLSAVFLCGAAANA
IRVYLMQTSGQRIVNRLRTSLFSSILRQEVAFFDKTRTGELINRLSSDTALLGRSVTENLSDGLRAGAQASVGISMMFFV
SPNLATFVLSVVPPVSIIAVIYGRYLRKLTKVTQDSLAQATQLAEERIGNVRTVRAFGKEMTEIEKYASKVDHVMQLARK
EAFARAGFFGATGLSGNLIVLSVLYKGGLLMGSAHMTVGELSSFLMYAFWVGISIGGLSSFYSELMKGLGAGGRLWELLE
REPKLPFNEGVILNEKSFQGALEFKNVHFAYPARPEVPIFQDFSLSIPSGSVTALVGPSGSGKSTVLSLLLRLYDPASGT
ISLDGHDIRQLNPVWLRSKIGTVSQEPILFSCSIAENIAYGADDPSSVTAEEIQRVAEVANAVAFIRNFPQGFNTVVGEK
GVLLSGGQKQRIAIARALLKNPKILLLDQATSALDAENEYLVQEALDRLMDGRTVLVIAHRLSTIKNANMVAVLDQGKIT
EYGKHEELLSKPNGIYRKLMNKQSFISAENLYFQGDYKDDDDKHHHHHHHHHH
;
_entity_poly.pdbx_strand_id   A
#
# COMPACT_ATOMS: atom_id res chain seq x y z
N GLU A 6 13.76 10.67 -13.64
CA GLU A 6 12.55 9.97 -14.04
C GLU A 6 12.87 8.79 -14.96
N ALA A 7 12.91 9.06 -16.28
CA ALA A 7 13.20 8.00 -17.24
C ALA A 7 14.59 7.43 -17.07
N ARG A 8 15.53 8.19 -16.49
CA ARG A 8 16.86 7.66 -16.23
C ARG A 8 16.84 6.65 -15.10
N LYS A 9 15.97 6.83 -14.12
CA LYS A 9 15.89 5.92 -12.98
C LYS A 9 15.19 4.61 -13.33
N LEU A 10 14.28 4.65 -14.32
CA LEU A 10 13.60 3.42 -14.72
C LEU A 10 14.55 2.41 -15.34
N LEU A 11 15.58 2.89 -16.05
CA LEU A 11 16.59 1.98 -16.57
C LEU A 11 17.37 1.30 -15.46
N GLY A 12 17.52 1.98 -14.31
CA GLY A 12 18.23 1.40 -13.19
C GLY A 12 17.52 0.19 -12.60
N LEU A 13 16.19 0.17 -12.63
CA LEU A 13 15.45 -0.95 -12.06
C LEU A 13 15.75 -2.26 -12.81
N ALA A 14 15.81 -2.20 -14.14
CA ALA A 14 16.04 -3.37 -14.95
C ALA A 14 17.52 -3.71 -15.10
N TYR A 15 18.41 -2.89 -14.55
CA TYR A 15 19.84 -3.18 -14.65
C TYR A 15 20.25 -4.49 -14.01
N PRO A 16 19.74 -4.90 -12.84
CA PRO A 16 20.06 -6.24 -12.34
C PRO A 16 19.67 -7.35 -13.32
N GLU A 17 18.60 -7.14 -14.10
CA GLU A 17 18.18 -8.12 -15.10
C GLU A 17 18.60 -7.64 -16.48
N ARG A 18 19.86 -7.91 -16.81
CA ARG A 18 20.38 -7.60 -18.14
C ARG A 18 20.36 -8.80 -19.08
N ARG A 19 20.61 -10.01 -18.57
CA ARG A 19 20.68 -11.19 -19.42
C ARG A 19 19.32 -11.85 -19.61
N ARG A 20 18.44 -11.79 -18.60
CA ARG A 20 17.12 -12.39 -18.74
C ARG A 20 16.29 -11.68 -19.79
N LEU A 21 16.35 -10.35 -19.83
CA LEU A 21 15.46 -9.60 -20.71
C LEU A 21 15.87 -9.70 -22.17
N ALA A 22 17.17 -9.81 -22.44
CA ALA A 22 17.64 -9.91 -23.83
C ALA A 22 17.11 -11.18 -24.49
N ALA A 23 17.15 -12.30 -23.77
CA ALA A 23 16.61 -13.55 -24.32
C ALA A 23 15.12 -13.42 -24.61
N ALA A 24 14.39 -12.70 -23.76
CA ALA A 24 12.97 -12.49 -23.99
C ALA A 24 12.71 -11.74 -25.28
N VAL A 25 13.51 -10.70 -25.56
CA VAL A 25 13.31 -9.93 -26.78
C VAL A 25 13.71 -10.76 -28.00
N GLY A 26 14.78 -11.55 -27.89
CA GLY A 26 15.14 -12.41 -29.01
C GLY A 26 14.05 -13.43 -29.33
N PHE A 27 13.50 -14.07 -28.31
CA PHE A 27 12.45 -15.05 -28.56
C PHE A 27 11.15 -14.39 -29.03
N LEU A 28 10.88 -13.16 -28.56
CA LEU A 28 9.73 -12.43 -29.05
C LEU A 28 9.85 -12.13 -30.54
N THR A 29 11.02 -11.66 -30.97
CA THR A 29 11.18 -11.36 -32.40
C THR A 29 11.14 -12.64 -33.24
N MET A 30 11.69 -13.75 -32.72
CA MET A 30 11.57 -15.01 -33.44
C MET A 30 10.11 -15.41 -33.61
N SER A 31 9.32 -15.32 -32.52
CA SER A 31 7.92 -15.71 -32.61
C SER A 31 7.14 -14.82 -33.57
N SER A 32 7.40 -13.51 -33.53
CA SER A 32 6.72 -12.61 -34.46
C SER A 32 7.07 -12.93 -35.91
N VAL A 33 8.34 -13.19 -36.19
CA VAL A 33 8.75 -13.52 -37.56
C VAL A 33 8.08 -14.79 -38.04
N ILE A 34 8.06 -15.83 -37.20
CA ILE A 34 7.52 -17.11 -37.66
C ILE A 34 6.03 -17.20 -37.36
N SER A 35 5.42 -16.07 -36.98
CA SER A 35 3.97 -15.99 -36.90
C SER A 35 3.34 -15.04 -37.91
N MET A 36 4.11 -14.16 -38.55
CA MET A 36 3.60 -13.33 -39.63
C MET A 36 3.99 -13.84 -41.00
N SER A 37 4.50 -15.07 -41.10
CA SER A 37 4.67 -15.75 -42.38
C SER A 37 3.76 -16.96 -42.52
N ALA A 38 2.73 -17.04 -41.68
CA ALA A 38 1.73 -18.10 -41.75
C ALA A 38 0.67 -17.82 -42.82
N PRO A 39 0.14 -16.59 -42.93
CA PRO A 39 -0.80 -16.32 -44.02
C PRO A 39 -0.23 -16.53 -45.40
N PHE A 40 1.08 -16.31 -45.57
CA PHE A 40 1.69 -16.46 -46.89
C PHE A 40 1.66 -17.91 -47.37
N PHE A 41 1.93 -18.86 -46.46
CA PHE A 41 1.94 -20.26 -46.86
C PHE A 41 0.53 -20.81 -47.07
N LEU A 42 -0.45 -20.29 -46.34
CA LEU A 42 -1.82 -20.75 -46.49
C LEU A 42 -2.34 -20.44 -47.89
N GLY A 43 -1.94 -19.30 -48.46
CA GLY A 43 -2.29 -19.00 -49.83
C GLY A 43 -1.73 -20.01 -50.81
N LYS A 44 -0.48 -20.42 -50.61
CA LYS A 44 0.12 -21.44 -51.47
C LYS A 44 -0.61 -22.77 -51.34
N ILE A 45 -0.96 -23.15 -50.11
CA ILE A 45 -1.68 -24.40 -49.89
C ILE A 45 -3.03 -24.37 -50.60
N ILE A 46 -3.75 -23.25 -50.51
CA ILE A 46 -5.04 -23.14 -51.20
C ILE A 46 -4.87 -23.19 -52.72
N ASP A 47 -3.86 -22.50 -53.24
CA ASP A 47 -3.60 -22.54 -54.68
C ASP A 47 -3.21 -23.94 -55.18
N VAL A 48 -2.58 -24.77 -54.35
CA VAL A 48 -2.31 -26.14 -54.76
C VAL A 48 -3.58 -26.93 -55.08
N ILE A 49 -4.70 -26.58 -54.47
CA ILE A 49 -5.91 -27.39 -54.58
C ILE A 49 -7.08 -26.69 -55.25
N TYR A 50 -7.02 -25.38 -55.50
CA TYR A 50 -8.22 -24.74 -56.05
C TYR A 50 -8.02 -23.92 -57.33
N THR A 51 -6.89 -23.23 -57.48
CA THR A 51 -6.75 -22.37 -58.66
C THR A 51 -6.56 -23.19 -59.93
N ASN A 52 -5.81 -24.29 -59.84
CA ASN A 52 -5.64 -25.27 -60.91
C ASN A 52 -5.23 -26.54 -60.18
N PRO A 53 -6.06 -27.58 -60.20
CA PRO A 53 -5.82 -28.73 -59.32
C PRO A 53 -4.70 -29.66 -59.78
N THR A 54 -4.19 -29.48 -60.99
CA THR A 54 -3.18 -30.35 -61.58
C THR A 54 -3.74 -31.79 -61.50
N VAL A 55 -2.94 -32.77 -61.13
CA VAL A 55 -3.42 -34.15 -61.01
C VAL A 55 -2.43 -34.99 -60.21
N TYR A 57 -1.95 -33.27 -56.79
CA TYR A 57 -2.35 -32.45 -55.66
C TYR A 57 -2.59 -33.29 -54.42
N SER A 58 -2.08 -34.53 -54.45
CA SER A 58 -2.09 -35.39 -53.28
C SER A 58 -0.71 -35.69 -52.75
N ASP A 59 0.33 -35.50 -53.56
CA ASP A 59 1.71 -35.66 -53.12
C ASP A 59 2.43 -34.34 -52.87
N ASN A 60 1.92 -33.23 -53.41
CA ASN A 60 2.46 -31.91 -53.19
C ASN A 60 1.66 -31.13 -52.16
N LEU A 61 0.85 -31.82 -51.36
CA LEU A 61 0.09 -31.21 -50.27
C LEU A 61 0.46 -31.79 -48.91
N THR A 62 0.78 -33.08 -48.85
CA THR A 62 1.19 -33.67 -47.57
C THR A 62 2.50 -33.07 -47.07
N ARG A 63 3.47 -32.91 -47.97
CA ARG A 63 4.77 -32.41 -47.57
C ARG A 63 4.68 -30.99 -47.00
N LEU A 64 3.89 -30.13 -47.63
CA LEU A 64 3.80 -28.74 -47.19
C LEU A 64 3.19 -28.64 -45.79
N CYS A 65 2.08 -29.32 -45.57
CA CYS A 65 1.45 -29.30 -44.24
C CYS A 65 2.37 -29.90 -43.19
N LEU A 66 3.01 -31.02 -43.52
CA LEU A 66 3.90 -31.67 -42.57
C LEU A 66 5.08 -30.76 -42.21
N GLY A 67 5.58 -30.00 -43.18
CA GLY A 67 6.64 -29.06 -42.90
C GLY A 67 6.18 -27.89 -42.05
N LEU A 68 4.98 -27.36 -42.33
CA LEU A 68 4.52 -26.17 -41.62
C LEU A 68 4.15 -26.48 -40.17
N SER A 69 3.79 -27.73 -39.88
CA SER A 69 3.55 -28.12 -38.49
C SER A 69 4.78 -27.87 -37.61
N ALA A 70 5.97 -28.09 -38.16
CA ALA A 70 7.20 -27.87 -37.39
C ALA A 70 7.37 -26.39 -37.04
N VAL A 71 7.09 -25.51 -38.00
CA VAL A 71 7.14 -24.07 -37.73
C VAL A 71 6.17 -23.70 -36.62
N PHE A 72 4.97 -24.29 -36.65
CA PHE A 72 3.99 -24.00 -35.59
C PHE A 72 4.50 -24.45 -34.23
N LEU A 73 5.12 -25.64 -34.17
CA LEU A 73 5.67 -26.13 -32.90
C LEU A 73 6.75 -25.20 -32.37
N CYS A 74 7.65 -24.74 -33.25
CA CYS A 74 8.70 -23.83 -32.83
C CYS A 74 8.11 -22.52 -32.28
N GLY A 75 7.10 -21.99 -32.96
CA GLY A 75 6.44 -20.79 -32.46
C GLY A 75 5.85 -20.98 -31.07
N ALA A 76 5.20 -22.11 -30.85
CA ALA A 76 4.62 -22.39 -29.53
C ALA A 76 5.70 -22.41 -28.45
N ALA A 77 6.81 -23.10 -28.71
CA ALA A 77 7.88 -23.17 -27.71
C ALA A 77 8.47 -21.79 -27.41
N ALA A 78 8.70 -20.99 -28.45
CA ALA A 78 9.23 -19.64 -28.25
C ALA A 78 8.29 -18.79 -27.41
N ASN A 79 6.99 -18.86 -27.70
CA ASN A 79 6.02 -18.10 -26.92
C ASN A 79 6.05 -18.51 -25.45
N ALA A 80 6.12 -19.81 -25.18
CA ALA A 80 6.15 -20.28 -23.80
C ALA A 80 7.37 -19.72 -23.05
N ILE A 81 8.55 -19.81 -23.67
CA ILE A 81 9.75 -19.35 -22.98
C ILE A 81 9.70 -17.85 -22.73
N ARG A 82 9.22 -17.08 -23.72
CA ARG A 82 9.12 -15.64 -23.53
C ARG A 82 8.20 -15.28 -22.36
N VAL A 83 7.04 -15.94 -22.30
CA VAL A 83 6.11 -15.65 -21.20
C VAL A 83 6.77 -15.92 -19.86
N TYR A 84 7.44 -17.08 -19.75
CA TYR A 84 8.07 -17.44 -18.48
C TYR A 84 9.11 -16.40 -18.06
N LEU A 85 9.98 -16.01 -18.99
CA LEU A 85 11.05 -15.07 -18.63
C LEU A 85 10.50 -13.72 -18.21
N MET A 86 9.53 -13.19 -18.97
CA MET A 86 8.98 -11.88 -18.62
C MET A 86 8.32 -11.91 -17.23
N GLN A 87 7.53 -12.95 -16.95
CA GLN A 87 6.84 -12.99 -15.66
C GLN A 87 7.84 -13.10 -14.51
N THR A 88 8.87 -13.94 -14.65
CA THR A 88 9.86 -14.07 -13.59
C THR A 88 10.59 -12.76 -13.34
N SER A 89 10.96 -12.04 -14.41
CA SER A 89 11.63 -10.75 -14.22
C SER A 89 10.74 -9.75 -13.50
N GLY A 90 9.45 -9.72 -13.86
CA GLY A 90 8.54 -8.83 -13.16
C GLY A 90 8.48 -9.12 -11.67
N GLN A 91 8.37 -10.40 -11.30
CA GLN A 91 8.34 -10.77 -9.89
C GLN A 91 9.62 -10.35 -9.18
N ARG A 92 10.77 -10.62 -9.79
CA ARG A 92 12.05 -10.35 -9.15
C ARG A 92 12.40 -8.86 -9.10
N ILE A 93 11.68 -8.00 -9.82
CA ILE A 93 11.82 -6.57 -9.60
C ILE A 93 10.86 -6.07 -8.52
N VAL A 94 9.61 -6.55 -8.55
CA VAL A 94 8.62 -6.11 -7.57
C VAL A 94 9.07 -6.44 -6.16
N ASN A 95 9.68 -7.62 -5.96
CA ASN A 95 10.13 -8.00 -4.62
C ASN A 95 11.14 -7.01 -4.06
N ARG A 96 12.14 -6.65 -4.87
CA ARG A 96 13.16 -5.72 -4.43
C ARG A 96 12.57 -4.35 -4.11
N LEU A 97 11.66 -3.87 -4.96
CA LEU A 97 11.02 -2.60 -4.65
C LEU A 97 10.26 -2.64 -3.33
N ARG A 98 9.53 -3.73 -3.09
CA ARG A 98 8.75 -3.84 -1.85
C ARG A 98 9.65 -3.80 -0.63
N THR A 99 10.72 -4.60 -0.63
CA THR A 99 11.59 -4.63 0.55
C THR A 99 12.25 -3.28 0.79
N SER A 100 12.77 -2.64 -0.28
CA SER A 100 13.44 -1.36 -0.08
C SER A 100 12.47 -0.29 0.40
N LEU A 101 11.25 -0.28 -0.14
CA LEU A 101 10.26 0.69 0.31
C LEU A 101 9.90 0.49 1.78
N PHE A 102 9.76 -0.77 2.22
CA PHE A 102 9.45 -1.01 3.62
C PHE A 102 10.59 -0.53 4.52
N SER A 103 11.83 -0.81 4.14
CA SER A 103 12.96 -0.34 4.95
C SER A 103 12.98 1.19 5.03
N SER A 104 12.78 1.85 3.89
CA SER A 104 12.80 3.31 3.88
C SER A 104 11.68 3.90 4.73
N ILE A 105 10.48 3.32 4.66
CA ILE A 105 9.36 3.82 5.46
C ILE A 105 9.63 3.60 6.95
N LEU A 106 10.14 2.42 7.31
CA LEU A 106 10.32 2.11 8.72
C LEU A 106 11.51 2.84 9.34
N ARG A 107 12.44 3.32 8.53
CA ARG A 107 13.61 4.05 9.03
C ARG A 107 13.32 5.51 9.31
N GLN A 108 12.17 6.04 8.90
CA GLN A 108 11.88 7.46 9.05
C GLN A 108 11.56 7.80 10.50
N GLU A 109 11.47 9.11 10.77
CA GLU A 109 11.18 9.61 12.10
C GLU A 109 9.70 9.47 12.42
N VAL A 110 9.37 9.65 13.71
CA VAL A 110 8.00 9.47 14.16
C VAL A 110 7.11 10.58 13.63
N ALA A 111 7.64 11.80 13.49
CA ALA A 111 6.83 12.94 13.08
C ALA A 111 6.22 12.76 11.71
N PHE A 112 6.80 11.91 10.86
CA PHE A 112 6.26 11.71 9.52
C PHE A 112 4.93 10.99 9.56
N PHE A 113 4.74 10.08 10.51
CA PHE A 113 3.51 9.28 10.56
C PHE A 113 2.31 10.11 10.99
N ASP A 114 2.52 11.30 11.55
CA ASP A 114 1.40 12.13 11.97
C ASP A 114 0.66 12.72 10.77
N LYS A 115 1.40 13.24 9.79
CA LYS A 115 0.77 13.87 8.64
C LYS A 115 0.42 12.90 7.53
N THR A 116 0.87 11.65 7.62
CA THR A 116 0.62 10.65 6.59
C THR A 116 -0.19 9.49 7.18
N ARG A 117 -1.29 9.16 6.53
CA ARG A 117 -2.12 8.05 6.96
C ARG A 117 -1.47 6.71 6.61
N THR A 118 -1.86 5.68 7.35
CA THR A 118 -1.34 4.33 7.06
C THR A 118 -1.95 3.76 5.79
N GLY A 119 -3.15 4.20 5.42
CA GLY A 119 -3.77 3.69 4.21
C GLY A 119 -2.97 4.00 2.96
N GLU A 120 -2.46 5.23 2.86
CA GLU A 120 -1.66 5.59 1.69
C GLU A 120 -0.38 4.77 1.61
N LEU A 121 0.30 4.59 2.75
CA LEU A 121 1.53 3.81 2.75
C LEU A 121 1.28 2.35 2.40
N ILE A 122 0.19 1.78 2.92
CA ILE A 122 -0.15 0.40 2.58
C ILE A 122 -0.49 0.28 1.10
N ASN A 123 -1.23 1.26 0.56
CA ASN A 123 -1.57 1.23 -0.86
C ASN A 123 -0.32 1.32 -1.74
N ARG A 124 0.64 2.17 -1.35
CA ARG A 124 1.90 2.22 -2.07
C ARG A 124 2.68 0.93 -1.93
N LEU A 125 2.55 0.24 -0.80
CA LEU A 125 3.35 -0.96 -0.55
C LEU A 125 2.86 -2.15 -1.37
N SER A 126 1.59 -2.18 -1.72
CA SER A 126 1.00 -3.34 -2.39
C SER A 126 0.56 -3.05 -3.82
N SER A 127 -0.19 -1.96 -4.04
CA SER A 127 -0.79 -1.73 -5.35
C SER A 127 0.20 -1.13 -6.34
N ASP A 128 0.84 -0.01 -5.98
CA ASP A 128 1.66 0.73 -6.95
C ASP A 128 2.89 -0.05 -7.36
N THR A 129 3.47 -0.85 -6.46
CA THR A 129 4.66 -1.61 -6.82
C THR A 129 4.36 -2.60 -7.93
N ALA A 130 3.16 -3.20 -7.92
CA ALA A 130 2.77 -4.09 -9.00
C ALA A 130 2.76 -3.36 -10.34
N LEU A 131 2.20 -2.14 -10.37
CA LEU A 131 2.17 -1.37 -11.60
C LEU A 131 3.58 -1.02 -12.08
N LEU A 132 4.43 -0.59 -11.15
CA LEU A 132 5.78 -0.19 -11.54
C LEU A 132 6.61 -1.38 -12.00
N GLY A 133 6.33 -2.58 -11.48
CA GLY A 133 7.04 -3.75 -11.94
C GLY A 133 6.45 -4.36 -13.21
N ARG A 134 5.21 -4.06 -13.55
CA ARG A 134 4.61 -4.57 -14.79
C ARG A 134 4.75 -3.65 -16.00
N SER A 135 4.96 -2.35 -15.78
CA SER A 135 5.08 -1.40 -16.88
C SER A 135 6.50 -1.19 -17.36
N VAL A 136 7.43 -2.00 -16.90
CA VAL A 136 8.81 -1.91 -17.37
C VAL A 136 9.27 -3.23 -17.96
N THR A 137 8.55 -4.32 -17.71
CA THR A 137 8.93 -5.58 -18.35
C THR A 137 7.78 -6.30 -19.02
N GLU A 138 6.61 -6.42 -18.37
CA GLU A 138 5.51 -7.20 -18.92
C GLU A 138 4.57 -6.37 -19.79
N ASN A 139 4.99 -5.18 -20.20
CA ASN A 139 4.22 -4.34 -21.10
C ASN A 139 4.99 -3.92 -22.34
N LEU A 140 6.30 -3.72 -22.23
CA LEU A 140 7.10 -3.40 -23.41
C LEU A 140 7.11 -4.55 -24.41
N SER A 141 6.98 -5.79 -23.93
CA SER A 141 6.88 -6.92 -24.85
C SER A 141 5.62 -6.80 -25.71
N ASP A 142 4.49 -6.49 -25.08
CA ASP A 142 3.25 -6.31 -25.83
C ASP A 142 3.34 -5.12 -26.79
N GLY A 143 3.95 -4.03 -26.33
CA GLY A 143 4.12 -2.88 -27.20
C GLY A 143 4.97 -3.20 -28.43
N LEU A 144 6.10 -3.87 -28.21
CA LEU A 144 6.98 -4.24 -29.32
C LEU A 144 6.28 -5.20 -30.28
N ARG A 145 5.55 -6.18 -29.74
CA ARG A 145 4.84 -7.11 -30.60
C ARG A 145 3.78 -6.41 -31.43
N ALA A 146 3.03 -5.49 -30.82
CA ALA A 146 2.01 -4.76 -31.57
C ALA A 146 2.63 -3.90 -32.66
N GLY A 147 3.74 -3.23 -32.35
CA GLY A 147 4.40 -2.43 -33.37
C GLY A 147 4.92 -3.26 -34.53
N ALA A 148 5.55 -4.39 -34.23
CA ALA A 148 6.01 -5.28 -35.30
C ALA A 148 4.84 -5.81 -36.12
N GLN A 149 3.74 -6.16 -35.45
CA GLN A 149 2.55 -6.65 -36.16
C GLN A 149 2.06 -5.60 -37.15
N ALA A 150 1.89 -4.36 -36.69
CA ALA A 150 1.41 -3.30 -37.57
C ALA A 150 2.36 -3.05 -38.73
N SER A 151 3.67 -2.99 -38.44
CA SER A 151 4.64 -2.68 -39.49
C SER A 151 4.65 -3.77 -40.56
N VAL A 152 4.78 -5.03 -40.16
CA VAL A 152 4.84 -6.12 -41.13
C VAL A 152 3.50 -6.26 -41.86
N GLY A 153 2.39 -6.03 -41.17
CA GLY A 153 1.10 -6.14 -41.82
C GLY A 153 0.88 -5.11 -42.90
N ILE A 154 1.12 -3.83 -42.58
CA ILE A 154 0.89 -2.78 -43.56
C ILE A 154 1.92 -2.84 -44.68
N SER A 155 3.19 -3.06 -44.34
CA SER A 155 4.23 -3.06 -45.35
C SER A 155 4.03 -4.18 -46.37
N MET A 156 3.63 -5.36 -45.91
CA MET A 156 3.46 -6.50 -46.81
C MET A 156 2.09 -6.53 -47.47
N MET A 157 1.13 -5.75 -46.96
CA MET A 157 -0.18 -5.67 -47.59
C MET A 157 -0.11 -4.97 -48.95
N PHE A 158 0.85 -4.06 -49.12
CA PHE A 158 1.07 -3.41 -50.41
C PHE A 158 1.75 -4.32 -51.42
N PHE A 159 2.42 -5.38 -50.96
CA PHE A 159 3.16 -6.27 -51.83
C PHE A 159 2.28 -7.23 -52.61
N VAL A 160 1.05 -7.50 -52.13
CA VAL A 160 0.19 -8.44 -52.81
C VAL A 160 -0.68 -7.76 -53.88
N SER A 161 -1.20 -6.57 -53.60
CA SER A 161 -2.02 -5.86 -54.57
C SER A 161 -2.06 -4.36 -54.27
N PRO A 162 -1.18 -3.57 -54.90
CA PRO A 162 -1.13 -2.13 -54.58
C PRO A 162 -2.41 -1.38 -54.89
N ASN A 163 -3.14 -1.75 -55.95
CA ASN A 163 -4.34 -1.01 -56.32
C ASN A 163 -5.45 -1.20 -55.29
N LEU A 164 -5.61 -2.42 -54.78
CA LEU A 164 -6.62 -2.65 -53.75
C LEU A 164 -6.19 -2.16 -52.38
N ALA A 165 -4.89 -1.99 -52.16
CA ALA A 165 -4.41 -1.47 -50.87
C ALA A 165 -4.65 0.02 -50.72
N THR A 166 -4.68 0.77 -51.83
CA THR A 166 -5.01 2.18 -51.74
C THR A 166 -6.51 2.43 -51.60
N PHE A 167 -7.33 1.45 -51.96
CA PHE A 167 -8.77 1.56 -51.73
C PHE A 167 -9.12 1.33 -50.27
N VAL A 168 -8.45 0.37 -49.62
CA VAL A 168 -8.76 0.05 -48.23
C VAL A 168 -8.24 1.14 -47.28
N LEU A 169 -7.35 2.01 -47.76
CA LEU A 169 -6.88 3.15 -46.99
C LEU A 169 -7.60 4.44 -47.34
N SER A 170 -8.74 4.34 -48.03
CA SER A 170 -9.54 5.53 -48.35
C SER A 170 -10.95 5.49 -47.78
N VAL A 171 -11.42 4.35 -47.29
CA VAL A 171 -12.73 4.24 -46.67
C VAL A 171 -12.65 3.87 -45.19
N VAL A 172 -11.73 2.97 -44.82
CA VAL A 172 -11.56 2.57 -43.43
C VAL A 172 -11.07 3.74 -42.56
N PRO A 173 -10.08 4.53 -42.97
CA PRO A 173 -9.63 5.65 -42.12
C PRO A 173 -10.73 6.67 -41.86
N PRO A 174 -11.38 7.24 -42.90
CA PRO A 174 -12.38 8.28 -42.60
C PRO A 174 -13.56 7.80 -41.77
N VAL A 175 -13.99 6.55 -41.94
CA VAL A 175 -15.13 6.05 -41.17
C VAL A 175 -14.78 5.93 -39.69
N SER A 176 -13.58 5.41 -39.39
CA SER A 176 -13.19 5.23 -38.00
C SER A 176 -13.02 6.56 -37.27
N ILE A 177 -12.81 7.67 -38.00
CA ILE A 177 -12.76 8.97 -37.36
C ILE A 177 -14.12 9.33 -36.77
N ILE A 178 -15.21 9.02 -37.49
CA ILE A 178 -16.54 9.30 -36.99
C ILE A 178 -16.84 8.47 -35.75
N ALA A 179 -16.32 7.24 -35.69
CA ALA A 179 -16.58 6.38 -34.55
C ALA A 179 -16.03 6.98 -33.26
N VAL A 180 -14.83 7.55 -33.32
CA VAL A 180 -14.26 8.21 -32.14
C VAL A 180 -15.09 9.42 -31.75
N ILE A 181 -15.52 10.22 -32.73
CA ILE A 181 -16.36 11.38 -32.45
C ILE A 181 -17.68 10.96 -31.81
N TYR A 182 -18.31 9.92 -32.36
CA TYR A 182 -19.61 9.48 -31.87
C TYR A 182 -19.53 8.79 -30.51
N GLY A 183 -18.36 8.28 -30.15
CA GLY A 183 -18.22 7.58 -28.89
C GLY A 183 -18.21 8.49 -27.67
N ARG A 184 -17.87 9.77 -27.86
CA ARG A 184 -17.84 10.70 -26.73
C ARG A 184 -19.23 11.21 -26.37
N TYR A 185 -20.14 11.29 -27.35
CA TYR A 185 -21.50 11.77 -27.08
C TYR A 185 -22.23 10.84 -26.11
N LEU A 186 -22.17 9.54 -26.37
CA LEU A 186 -22.82 8.57 -25.48
C LEU A 186 -22.22 8.61 -24.09
N ARG A 187 -20.89 8.77 -24.00
CA ARG A 187 -20.25 8.78 -22.70
C ARG A 187 -20.69 9.99 -21.87
N LYS A 188 -20.78 11.16 -22.49
CA LYS A 188 -21.21 12.33 -21.73
C LYS A 188 -22.69 12.23 -21.34
N LEU A 189 -23.53 11.67 -22.22
CA LEU A 189 -24.93 11.48 -21.84
C LEU A 189 -25.06 10.50 -20.67
N THR A 190 -24.28 9.42 -20.70
CA THR A 190 -24.30 8.45 -19.61
C THR A 190 -23.81 9.09 -18.31
N LYS A 191 -22.78 9.93 -18.39
CA LYS A 191 -22.30 10.63 -17.20
C LYS A 191 -23.38 11.54 -16.64
N VAL A 192 -24.13 12.23 -17.51
CA VAL A 192 -25.21 13.10 -17.03
C VAL A 192 -26.27 12.28 -16.29
N THR A 193 -26.68 11.16 -16.89
CA THR A 193 -27.71 10.33 -16.25
C THR A 193 -27.22 9.76 -14.93
N GLN A 194 -25.96 9.32 -14.88
CA GLN A 194 -25.41 8.79 -13.63
C GLN A 194 -25.33 9.87 -12.56
N ASP A 195 -24.98 11.10 -12.94
CA ASP A 195 -24.96 12.19 -11.98
C ASP A 195 -26.34 12.46 -11.41
N SER A 196 -27.36 12.45 -12.27
CA SER A 196 -28.72 12.67 -11.76
C SER A 196 -29.15 11.54 -10.84
N LEU A 197 -28.79 10.29 -11.18
CA LEU A 197 -29.13 9.17 -10.31
C LEU A 197 -28.43 9.30 -8.96
N ALA A 198 -27.15 9.70 -8.96
CA ALA A 198 -26.42 9.87 -7.70
C ALA A 198 -27.06 10.96 -6.84
N GLN A 199 -27.46 12.07 -7.46
CA GLN A 199 -28.14 13.12 -6.70
C GLN A 199 -29.45 12.61 -6.11
N ALA A 200 -30.20 11.83 -6.89
CA ALA A 200 -31.47 11.29 -6.37
C ALA A 200 -31.23 10.31 -5.24
N THR A 201 -30.17 9.50 -5.32
CA THR A 201 -29.87 8.54 -4.26
C THR A 201 -29.43 9.25 -2.99
N GLN A 202 -28.67 10.34 -3.12
CA GLN A 202 -28.24 11.08 -1.93
C GLN A 202 -29.41 11.63 -1.13
N LEU A 203 -30.58 11.76 -1.75
CA LEU A 203 -31.78 12.16 -1.02
C LEU A 203 -32.41 11.00 -0.26
N ALA A 204 -32.26 9.77 -0.74
CA ALA A 204 -32.87 8.61 -0.12
C ALA A 204 -32.00 7.96 0.94
N GLU A 205 -30.74 8.38 1.08
CA GLU A 205 -29.88 7.84 2.13
C GLU A 205 -29.87 8.73 3.37
N GLU A 206 -29.97 10.04 3.18
CA GLU A 206 -30.11 10.96 4.31
C GLU A 206 -31.42 10.74 5.05
N ARG A 207 -32.52 10.55 4.31
CA ARG A 207 -33.83 10.49 4.94
C ARG A 207 -34.02 9.20 5.73
N ILE A 208 -33.55 8.07 5.19
CA ILE A 208 -33.61 6.82 5.96
C ILE A 208 -32.72 6.92 7.20
N GLY A 209 -31.60 7.62 7.10
CA GLY A 209 -30.77 7.85 8.27
C GLY A 209 -31.43 8.68 9.34
N ASN A 210 -32.51 9.37 9.03
CA ASN A 210 -33.20 10.26 9.95
C ASN A 210 -34.69 9.96 9.98
N VAL A 211 -35.06 8.67 10.09
CA VAL A 211 -36.47 8.32 10.15
C VAL A 211 -37.11 8.86 11.42
N ARG A 212 -36.33 9.00 12.49
CA ARG A 212 -36.88 9.50 13.75
C ARG A 212 -37.41 10.93 13.61
N THR A 213 -36.67 11.80 12.91
CA THR A 213 -37.08 13.19 12.80
C THR A 213 -38.06 13.44 11.66
N VAL A 214 -38.03 12.60 10.62
CA VAL A 214 -38.99 12.77 9.52
C VAL A 214 -40.37 12.25 9.89
N ARG A 215 -40.47 11.51 11.00
CA ARG A 215 -41.73 10.94 11.45
C ARG A 215 -42.42 11.76 12.52
N ALA A 216 -41.69 12.58 13.28
CA ALA A 216 -42.29 13.34 14.35
C ALA A 216 -43.31 14.35 13.80
N PHE A 217 -42.99 15.00 12.69
CA PHE A 217 -43.89 15.96 12.09
C PHE A 217 -44.99 15.31 11.24
N GLY A 218 -44.88 14.02 10.95
CA GLY A 218 -45.86 13.36 10.13
C GLY A 218 -45.68 13.51 8.63
N LYS A 219 -44.56 14.07 8.19
CA LYS A 219 -44.28 14.22 6.76
C LYS A 219 -43.47 13.00 6.32
N GLU A 220 -44.16 12.05 5.71
CA GLU A 220 -43.53 10.87 5.14
C GLU A 220 -43.93 10.60 3.71
N MET A 221 -45.20 10.85 3.34
CA MET A 221 -45.62 10.69 1.96
C MET A 221 -44.93 11.70 1.06
N THR A 222 -44.81 12.96 1.52
CA THR A 222 -44.20 14.01 0.71
C THR A 222 -42.82 13.60 0.23
N GLU A 223 -42.08 12.87 1.08
CA GLU A 223 -40.81 12.31 0.65
C GLU A 223 -41.02 11.33 -0.50
N ILE A 224 -42.10 10.56 -0.47
CA ILE A 224 -42.36 9.61 -1.55
C ILE A 224 -42.59 10.34 -2.87
N GLU A 225 -43.40 11.41 -2.87
CA GLU A 225 -43.56 12.13 -4.14
C GLU A 225 -42.27 12.82 -4.58
N LYS A 226 -41.47 13.34 -3.65
CA LYS A 226 -40.21 13.96 -4.04
C LYS A 226 -39.29 12.95 -4.73
N TYR A 227 -39.18 11.75 -4.14
CA TYR A 227 -38.38 10.71 -4.76
C TYR A 227 -38.96 10.28 -6.10
N ALA A 228 -40.29 10.23 -6.22
CA ALA A 228 -40.92 9.87 -7.48
C ALA A 228 -40.56 10.87 -8.57
N SER A 229 -40.62 12.16 -8.26
CA SER A 229 -40.24 13.18 -9.24
C SER A 229 -38.78 13.05 -9.64
N LYS A 230 -37.89 12.83 -8.66
CA LYS A 230 -36.48 12.72 -8.98
C LYS A 230 -36.20 11.52 -9.90
N VAL A 231 -36.79 10.36 -9.59
CA VAL A 231 -36.52 9.19 -10.42
C VAL A 231 -37.19 9.32 -11.79
N ASP A 232 -38.33 10.00 -11.88
CA ASP A 232 -38.92 10.25 -13.20
C ASP A 232 -38.00 11.14 -14.03
N HIS A 233 -37.41 12.17 -13.43
CA HIS A 233 -36.47 13.01 -14.15
C HIS A 233 -35.26 12.21 -14.60
N VAL A 234 -34.78 11.29 -13.76
CA VAL A 234 -33.68 10.42 -14.17
C VAL A 234 -34.11 9.53 -15.34
N MET A 235 -35.36 9.07 -15.32
CA MET A 235 -35.86 8.22 -16.40
C MET A 235 -35.89 8.95 -17.73
N GLN A 236 -36.38 10.19 -17.74
CA GLN A 236 -36.55 10.90 -19.02
C GLN A 236 -35.20 11.14 -19.71
N LEU A 237 -34.17 11.48 -18.95
CA LEU A 237 -32.86 11.69 -19.55
C LEU A 237 -32.27 10.39 -20.09
N ALA A 238 -32.61 9.26 -19.49
CA ALA A 238 -32.07 7.98 -19.93
C ALA A 238 -32.61 7.55 -21.28
N ARG A 239 -33.76 8.10 -21.71
CA ARG A 239 -34.29 7.77 -23.03
C ARG A 239 -33.40 8.31 -24.13
N LYS A 240 -32.87 9.52 -23.96
CA LYS A 240 -32.02 10.13 -24.98
C LYS A 240 -30.71 9.36 -25.18
N GLU A 241 -30.30 8.57 -24.20
CA GLU A 241 -29.11 7.74 -24.37
C GLU A 241 -29.40 6.52 -25.25
N ALA A 242 -30.60 5.94 -25.11
CA ALA A 242 -30.93 4.73 -25.86
C ALA A 242 -30.99 5.01 -27.37
N PHE A 243 -31.53 6.17 -27.75
CA PHE A 243 -31.65 6.51 -29.17
C PHE A 243 -30.28 6.57 -29.84
N ALA A 244 -29.32 7.24 -29.19
CA ALA A 244 -27.97 7.35 -29.74
C ALA A 244 -27.30 5.98 -29.82
N ARG A 245 -27.49 5.14 -28.81
CA ARG A 245 -26.92 3.80 -28.83
C ARG A 245 -27.48 2.97 -29.98
N ALA A 246 -28.79 3.08 -30.23
CA ALA A 246 -29.38 2.38 -31.36
C ALA A 246 -28.78 2.85 -32.67
N GLY A 247 -28.63 4.17 -32.84
CA GLY A 247 -27.99 4.68 -34.04
C GLY A 247 -26.58 4.16 -34.21
N PHE A 248 -25.82 4.13 -33.12
CA PHE A 248 -24.44 3.64 -33.17
C PHE A 248 -24.39 2.19 -33.62
N PHE A 249 -25.23 1.34 -33.04
CA PHE A 249 -25.21 -0.08 -33.38
C PHE A 249 -25.57 -0.31 -34.84
N GLY A 250 -26.65 0.35 -35.30
CA GLY A 250 -27.04 0.18 -36.69
C GLY A 250 -25.97 0.65 -37.66
N ALA A 251 -25.41 1.83 -37.40
CA ALA A 251 -24.39 2.37 -38.30
C ALA A 251 -23.15 1.49 -38.34
N THR A 252 -22.69 1.04 -37.16
CA THR A 252 -21.48 0.19 -37.09
C THR A 252 -21.66 -1.18 -37.76
N GLY A 253 -22.84 -1.79 -37.65
CA GLY A 253 -23.08 -3.04 -38.36
C GLY A 253 -23.14 -2.86 -39.86
N LEU A 254 -23.91 -1.86 -40.31
CA LEU A 254 -24.04 -1.62 -41.75
C LEU A 254 -22.70 -1.27 -42.37
N SER A 255 -21.92 -0.40 -41.72
CA SER A 255 -20.65 0.03 -42.28
C SER A 255 -19.68 -1.15 -42.39
N GLY A 256 -19.59 -1.97 -41.35
CA GLY A 256 -18.69 -3.12 -41.42
C GLY A 256 -19.06 -4.09 -42.53
N ASN A 257 -20.35 -4.43 -42.62
CA ASN A 257 -20.77 -5.37 -43.65
C ASN A 257 -20.50 -4.82 -45.05
N LEU A 258 -20.85 -3.56 -45.28
CA LEU A 258 -20.66 -2.98 -46.61
C LEU A 258 -19.19 -2.84 -46.95
N ILE A 259 -18.33 -2.54 -45.97
CA ILE A 259 -16.91 -2.42 -46.25
C ILE A 259 -16.34 -3.77 -46.67
N VAL A 260 -16.69 -4.84 -45.95
CA VAL A 260 -16.18 -6.15 -46.33
C VAL A 260 -16.69 -6.54 -47.71
N LEU A 261 -17.98 -6.30 -47.98
CA LEU A 261 -18.52 -6.64 -49.30
C LEU A 261 -17.85 -5.84 -50.41
N SER A 262 -17.55 -4.56 -50.16
CA SER A 262 -16.91 -3.74 -51.17
C SER A 262 -15.48 -4.19 -51.44
N VAL A 263 -14.74 -4.57 -50.39
CA VAL A 263 -13.40 -5.09 -50.59
C VAL A 263 -13.45 -6.38 -51.41
N LEU A 264 -14.39 -7.27 -51.09
CA LEU A 264 -14.49 -8.53 -51.83
C LEU A 264 -14.90 -8.30 -53.28
N TYR A 265 -15.83 -7.37 -53.52
CA TYR A 265 -16.39 -7.20 -54.85
C TYR A 265 -15.38 -6.60 -55.82
N LYS A 266 -14.59 -5.63 -55.37
CA LYS A 266 -13.62 -4.99 -56.26
C LYS A 266 -12.53 -5.95 -56.71
N GLY A 267 -12.15 -6.90 -55.86
CA GLY A 267 -11.05 -7.80 -56.17
C GLY A 267 -11.32 -8.79 -57.29
N GLY A 268 -12.54 -8.82 -57.81
CA GLY A 268 -12.86 -9.69 -58.92
C GLY A 268 -12.87 -8.98 -60.26
N LEU A 269 -12.90 -7.65 -60.25
CA LEU A 269 -12.92 -6.86 -61.47
C LEU A 269 -11.53 -6.38 -61.89
N LEU A 270 -10.50 -6.66 -61.10
CA LEU A 270 -9.12 -6.38 -61.52
C LEU A 270 -8.68 -7.49 -62.46
N MET A 271 -8.49 -7.15 -63.74
CA MET A 271 -8.17 -8.13 -64.76
C MET A 271 -6.89 -7.74 -65.49
N GLY A 272 -6.02 -8.73 -65.70
CA GLY A 272 -4.82 -8.54 -66.47
C GLY A 272 -3.64 -7.98 -65.71
N SER A 273 -3.69 -6.68 -65.42
CA SER A 273 -2.53 -6.02 -64.81
C SER A 273 -2.22 -6.59 -63.43
N ALA A 274 -3.24 -6.76 -62.60
CA ALA A 274 -3.06 -7.31 -61.26
C ALA A 274 -4.21 -8.28 -61.01
N HIS A 275 -4.02 -9.54 -61.37
CA HIS A 275 -5.02 -10.57 -61.14
C HIS A 275 -4.81 -11.20 -59.78
N MET A 276 -5.91 -11.46 -59.09
CA MET A 276 -5.87 -11.99 -57.72
C MET A 276 -6.34 -13.44 -57.73
N THR A 277 -5.39 -14.35 -57.54
CA THR A 277 -5.71 -15.74 -57.29
C THR A 277 -6.42 -15.87 -55.95
N VAL A 278 -7.00 -17.04 -55.68
CA VAL A 278 -7.82 -17.23 -54.48
C VAL A 278 -6.99 -17.01 -53.23
N GLY A 279 -5.76 -17.52 -53.19
CA GLY A 279 -4.97 -17.43 -51.98
C GLY A 279 -4.56 -16.02 -51.63
N GLU A 280 -4.27 -15.19 -52.64
CA GLU A 280 -3.77 -13.85 -52.37
C GLU A 280 -4.83 -13.00 -51.67
N LEU A 281 -6.10 -13.17 -52.06
CA LEU A 281 -7.18 -12.47 -51.37
C LEU A 281 -7.24 -12.85 -49.89
N SER A 282 -7.10 -14.15 -49.60
CA SER A 282 -7.13 -14.61 -48.21
C SER A 282 -5.97 -14.04 -47.41
N SER A 283 -4.77 -14.04 -47.99
CA SER A 283 -3.62 -13.44 -47.30
C SER A 283 -3.85 -11.96 -47.04
N PHE A 284 -4.40 -11.25 -48.02
CA PHE A 284 -4.69 -9.83 -47.86
C PHE A 284 -5.65 -9.60 -46.69
N LEU A 285 -6.72 -10.38 -46.62
CA LEU A 285 -7.70 -10.20 -45.56
C LEU A 285 -7.10 -10.51 -44.19
N MET A 286 -6.28 -11.57 -44.11
CA MET A 286 -5.64 -11.90 -42.84
C MET A 286 -4.74 -10.75 -42.37
N TYR A 287 -3.97 -10.16 -43.29
CA TYR A 287 -3.09 -9.07 -42.91
C TYR A 287 -3.89 -7.85 -42.45
N ALA A 288 -5.02 -7.57 -43.10
CA ALA A 288 -5.86 -6.47 -42.64
C ALA A 288 -6.35 -6.71 -41.21
N PHE A 289 -6.77 -7.93 -40.91
CA PHE A 289 -7.20 -8.23 -39.56
C PHE A 289 -6.05 -8.00 -38.58
N TRP A 290 -4.86 -8.48 -38.92
CA TRP A 290 -3.72 -8.33 -38.01
C TRP A 290 -3.47 -6.86 -37.69
N VAL A 291 -3.53 -5.99 -38.71
CA VAL A 291 -3.33 -4.57 -38.46
C VAL A 291 -4.43 -4.02 -37.54
N GLY A 292 -5.67 -4.47 -37.76
CA GLY A 292 -6.76 -4.05 -36.90
C GLY A 292 -6.55 -4.41 -35.45
N ILE A 293 -6.01 -5.60 -35.19
CA ILE A 293 -5.70 -5.97 -33.80
C ILE A 293 -4.56 -5.11 -33.25
N SER A 294 -3.54 -4.86 -34.07
CA SER A 294 -2.35 -4.15 -33.59
C SER A 294 -2.67 -2.74 -33.14
N ILE A 295 -3.63 -2.07 -33.79
CA ILE A 295 -3.96 -0.70 -33.38
C ILE A 295 -4.47 -0.67 -31.94
N GLY A 296 -5.43 -1.56 -31.62
CA GLY A 296 -5.91 -1.63 -30.24
C GLY A 296 -4.81 -2.02 -29.27
N GLY A 297 -3.89 -2.89 -29.72
CA GLY A 297 -2.74 -3.20 -28.87
C GLY A 297 -1.94 -1.97 -28.49
N LEU A 298 -1.65 -1.10 -29.47
CA LEU A 298 -0.90 0.12 -29.17
C LEU A 298 -1.66 1.02 -28.22
N SER A 299 -2.97 1.17 -28.42
CA SER A 299 -3.75 2.04 -27.53
C SER A 299 -3.71 1.55 -26.09
N SER A 300 -3.90 0.23 -25.89
CA SER A 300 -3.85 -0.32 -24.55
C SER A 300 -2.46 -0.12 -23.93
N PHE A 301 -1.40 -0.31 -24.73
CA PHE A 301 -0.06 -0.10 -24.23
C PHE A 301 0.15 1.32 -23.73
N TYR A 302 -0.33 2.31 -24.50
CA TYR A 302 -0.15 3.69 -24.07
C TYR A 302 -0.87 3.99 -22.78
N SER A 303 -2.11 3.51 -22.64
CA SER A 303 -2.85 3.74 -21.39
C SER A 303 -2.12 3.12 -20.21
N GLU A 304 -1.67 1.87 -20.36
CA GLU A 304 -1.00 1.19 -19.25
C GLU A 304 0.32 1.88 -18.89
N LEU A 305 1.06 2.36 -19.90
CA LEU A 305 2.31 3.06 -19.62
C LEU A 305 2.06 4.35 -18.86
N MET A 306 1.02 5.11 -19.23
CA MET A 306 0.72 6.33 -18.49
C MET A 306 0.36 6.03 -17.04
N LYS A 307 -0.46 4.99 -16.81
CA LYS A 307 -0.78 4.63 -15.43
C LYS A 307 0.46 4.20 -14.65
N GLY A 308 1.36 3.46 -15.31
CA GLY A 308 2.58 3.04 -14.65
C GLY A 308 3.46 4.21 -14.25
N LEU A 309 3.59 5.20 -15.13
CA LEU A 309 4.34 6.41 -14.78
C LEU A 309 3.66 7.14 -13.62
N GLY A 310 2.34 7.18 -13.61
CA GLY A 310 1.64 7.78 -12.50
C GLY A 310 1.95 7.13 -11.17
N ALA A 311 1.96 5.79 -11.14
CA ALA A 311 2.29 5.08 -9.90
C ALA A 311 3.76 5.29 -9.53
N GLY A 312 4.65 5.26 -10.51
CA GLY A 312 6.06 5.48 -10.24
C GLY A 312 6.34 6.85 -9.68
N GLY A 313 5.57 7.85 -10.09
CA GLY A 313 5.75 9.18 -9.53
C GLY A 313 5.63 9.21 -8.02
N ARG A 314 4.65 8.50 -7.48
CA ARG A 314 4.51 8.44 -6.03
C ARG A 314 5.52 7.51 -5.38
N LEU A 315 5.84 6.37 -6.03
CA LEU A 315 6.76 5.44 -5.39
C LEU A 315 8.19 5.97 -5.36
N TRP A 316 8.57 6.85 -6.29
CA TRP A 316 9.95 7.30 -6.40
C TRP A 316 10.32 8.39 -5.41
N GLU A 317 9.53 8.58 -4.35
CA GLU A 317 9.74 9.66 -3.40
C GLU A 317 10.20 9.17 -2.03
N LEU A 318 9.55 8.14 -1.47
CA LEU A 318 9.88 7.69 -0.13
C LEU A 318 11.29 7.12 -0.05
N LEU A 319 11.73 6.42 -1.11
CA LEU A 319 13.07 5.84 -1.12
C LEU A 319 14.16 6.89 -1.10
N GLU A 320 13.85 8.15 -1.42
CA GLU A 320 14.83 9.21 -1.51
C GLU A 320 14.48 10.39 -0.60
N ARG A 321 14.09 10.09 0.64
CA ARG A 321 13.79 11.12 1.62
C ARG A 321 14.71 10.94 2.83
N GLU A 322 15.38 12.03 3.21
CA GLU A 322 16.30 11.97 4.33
C GLU A 322 15.54 11.96 5.66
N PRO A 323 15.93 11.12 6.61
CA PRO A 323 15.30 11.15 7.93
C PRO A 323 15.55 12.47 8.64
N LYS A 324 14.55 12.91 9.41
CA LYS A 324 14.64 14.23 10.04
C LYS A 324 15.66 14.26 11.16
N LEU A 325 15.73 13.20 11.96
CA LEU A 325 16.62 13.13 13.10
C LEU A 325 17.47 11.88 13.00
N PRO A 326 18.69 11.91 13.54
CA PRO A 326 19.60 10.76 13.40
C PRO A 326 19.03 9.50 14.05
N PHE A 327 19.22 8.36 13.38
CA PHE A 327 18.78 7.08 13.90
C PHE A 327 19.92 6.25 14.48
N ASN A 328 21.17 6.57 14.13
CA ASN A 328 22.34 5.83 14.59
C ASN A 328 23.52 6.79 14.66
N GLU A 329 24.72 6.22 14.70
CA GLU A 329 25.98 6.98 14.78
C GLU A 329 26.04 7.84 16.03
N GLY A 330 26.05 7.21 17.20
CA GLY A 330 26.18 7.90 18.46
C GLY A 330 27.30 7.30 19.29
N VAL A 331 27.35 7.71 20.56
CA VAL A 331 28.38 7.26 21.49
C VAL A 331 27.71 6.73 22.75
N ILE A 332 28.28 5.67 23.32
CA ILE A 332 27.78 5.05 24.53
C ILE A 332 28.88 5.15 25.58
N LEU A 333 28.68 6.04 26.56
CA LEU A 333 29.70 6.26 27.59
C LEU A 333 29.87 5.02 28.45
N ASN A 334 28.76 4.42 28.90
CA ASN A 334 28.77 3.25 29.77
C ASN A 334 29.63 3.49 31.01
N GLU A 335 30.46 2.50 31.37
CA GLU A 335 31.36 2.59 32.52
C GLU A 335 30.59 2.89 33.81
N LYS A 336 29.34 2.42 33.88
CA LYS A 336 28.47 2.65 35.02
C LYS A 336 28.35 4.13 35.35
N SER A 337 28.28 4.47 36.64
CA SER A 337 28.17 5.85 37.10
C SER A 337 26.99 6.57 36.46
N PHE A 338 25.85 5.87 36.38
CA PHE A 338 24.67 6.44 35.75
C PHE A 338 23.43 5.76 36.33
N GLN A 339 22.68 6.48 37.15
CA GLN A 339 21.42 5.98 37.69
C GLN A 339 20.39 7.11 37.69
N GLY A 340 19.68 7.25 36.57
CA GLY A 340 18.53 8.14 36.48
C GLY A 340 18.80 9.58 36.85
N ALA A 341 19.98 10.11 36.50
CA ALA A 341 20.33 11.48 36.84
C ALA A 341 20.12 12.37 35.61
N LEU A 342 18.89 12.85 35.45
CA LEU A 342 18.50 13.67 34.32
C LEU A 342 17.84 14.95 34.80
N GLU A 343 17.97 16.01 34.01
CA GLU A 343 17.45 17.32 34.36
C GLU A 343 16.81 17.97 33.14
N PHE A 344 16.01 19.00 33.40
CA PHE A 344 15.41 19.84 32.36
C PHE A 344 15.86 21.28 32.57
N LYS A 345 15.81 22.07 31.49
CA LYS A 345 16.33 23.43 31.47
C LYS A 345 15.29 24.37 30.85
N ASN A 346 14.04 24.29 31.31
CA ASN A 346 12.98 25.17 30.84
C ASN A 346 12.75 25.01 29.34
N VAL A 347 12.30 23.82 28.94
CA VAL A 347 12.10 23.53 27.52
C VAL A 347 10.78 24.12 27.04
N HIS A 348 10.80 24.65 25.81
CA HIS A 348 9.61 25.14 25.14
C HIS A 348 9.44 24.38 23.83
N PHE A 349 8.34 23.65 23.69
CA PHE A 349 8.02 23.00 22.42
C PHE A 349 6.54 22.66 22.39
N ALA A 350 5.95 22.74 21.20
CA ALA A 350 4.62 22.17 20.96
C ALA A 350 4.76 20.96 20.06
N TYR A 351 3.65 20.25 19.84
CA TYR A 351 3.66 19.16 18.88
C TYR A 351 4.02 19.68 17.49
N PRO A 352 4.91 18.99 16.77
CA PRO A 352 5.12 19.32 15.36
C PRO A 352 3.87 19.12 14.52
N ALA A 353 2.94 18.31 15.01
CA ALA A 353 1.71 18.10 14.29
C ALA A 353 0.80 19.28 14.47
N ARG A 354 0.81 19.88 15.66
CA ARG A 354 0.01 21.06 15.94
C ARG A 354 0.80 22.07 16.75
N PRO A 355 1.15 23.20 16.14
CA PRO A 355 1.96 24.19 16.85
C PRO A 355 1.08 25.23 17.51
N GLU A 356 -0.23 25.06 17.42
CA GLU A 356 -1.15 26.04 17.97
C GLU A 356 -1.08 26.15 19.49
N VAL A 357 -1.56 25.13 20.19
CA VAL A 357 -1.60 25.19 21.65
C VAL A 357 -0.24 24.80 22.21
N PRO A 358 0.29 25.54 23.19
CA PRO A 358 1.58 25.16 23.80
C PRO A 358 1.44 23.90 24.65
N ILE A 359 2.56 23.22 24.82
CA ILE A 359 2.62 21.96 25.58
C ILE A 359 3.45 22.12 26.85
N PHE A 360 4.72 22.48 26.72
CA PHE A 360 5.62 22.65 27.85
C PHE A 360 6.27 24.03 27.77
N GLN A 361 5.93 24.91 28.71
CA GLN A 361 6.48 26.26 28.72
C GLN A 361 7.57 26.46 29.77
N ASP A 362 7.78 25.50 30.68
CA ASP A 362 8.76 25.68 31.73
C ASP A 362 9.00 24.35 32.42
N PHE A 363 10.25 24.13 32.81
CA PHE A 363 10.62 22.97 33.61
C PHE A 363 11.89 23.29 34.40
N SER A 364 11.87 22.90 35.68
CA SER A 364 13.05 22.97 36.53
C SER A 364 13.15 21.68 37.32
N LEU A 365 12.83 20.57 36.69
CA LEU A 365 12.71 19.28 37.35
C LEU A 365 14.01 18.50 37.26
N SER A 366 14.39 17.88 38.37
CA SER A 366 15.59 17.06 38.46
C SER A 366 15.24 15.73 39.10
N ILE A 367 15.91 14.67 38.65
CA ILE A 367 15.67 13.33 39.15
C ILE A 367 16.98 12.79 39.73
N PRO A 368 17.03 12.48 41.01
CA PRO A 368 18.25 11.90 41.60
C PRO A 368 18.20 10.37 41.58
N SER A 369 19.32 9.78 41.97
CA SER A 369 19.42 8.33 42.04
C SER A 369 18.58 7.78 43.19
N GLY A 370 17.93 6.65 42.94
CA GLY A 370 17.11 6.00 43.96
C GLY A 370 15.94 6.84 44.42
N SER A 371 15.22 7.46 43.49
CA SER A 371 14.11 8.35 43.80
C SER A 371 12.83 7.84 43.16
N VAL A 372 11.71 8.22 43.77
CA VAL A 372 10.38 7.84 43.30
C VAL A 372 9.62 9.13 43.03
N THR A 373 10.34 10.14 42.53
CA THR A 373 9.73 11.42 42.19
C THR A 373 8.49 11.23 41.34
N ALA A 374 7.49 12.08 41.58
CA ALA A 374 6.16 11.86 41.01
C ALA A 374 5.57 13.19 40.57
N LEU A 375 5.35 13.33 39.27
CA LEU A 375 4.65 14.49 38.74
C LEU A 375 3.14 14.34 38.95
N VAL A 376 2.45 15.47 39.05
CA VAL A 376 1.00 15.47 39.26
C VAL A 376 0.47 16.82 38.81
N GLY A 377 -0.84 16.88 38.56
CA GLY A 377 -1.47 18.10 38.13
C GLY A 377 -2.88 17.87 37.60
N PRO A 378 -3.25 18.58 36.53
CA PRO A 378 -4.57 18.47 35.92
C PRO A 378 -4.84 17.11 35.29
N GLY A 382 -1.58 16.87 29.61
CA GLY A 382 -0.40 17.24 28.86
C GLY A 382 0.90 16.85 29.53
N LYS A 383 0.78 16.30 30.75
CA LYS A 383 1.96 15.89 31.50
C LYS A 383 2.53 14.56 31.03
N SER A 384 1.83 13.86 30.14
CA SER A 384 2.28 12.55 29.67
C SER A 384 3.29 12.62 28.54
N THR A 385 3.59 13.82 28.04
CA THR A 385 4.51 13.92 26.90
C THR A 385 5.97 13.87 27.30
N VAL A 386 6.28 13.83 28.59
CA VAL A 386 7.66 13.62 29.02
C VAL A 386 8.11 12.23 28.58
N LEU A 387 7.18 11.28 28.51
CA LEU A 387 7.48 9.96 27.96
C LEU A 387 8.07 10.05 26.57
N SER A 388 7.47 10.87 25.71
CA SER A 388 7.95 11.01 24.34
C SER A 388 9.33 11.63 24.30
N LEU A 389 9.59 12.61 25.15
CA LEU A 389 10.86 13.31 25.10
C LEU A 389 12.02 12.44 25.60
N LEU A 390 11.81 11.74 26.72
CA LEU A 390 12.94 11.02 27.32
C LEU A 390 13.48 9.93 26.40
N LEU A 391 12.63 9.35 25.55
CA LEU A 391 13.03 8.28 24.65
C LEU A 391 13.54 8.80 23.31
N ARG A 392 13.62 10.12 23.14
CA ARG A 392 14.11 10.75 21.92
C ARG A 392 13.30 10.32 20.70
N LEU A 393 11.97 10.44 20.81
CA LEU A 393 11.13 10.35 19.63
C LEU A 393 10.93 11.71 18.97
N TYR A 394 10.45 12.68 19.74
CA TYR A 394 10.41 14.06 19.28
C TYR A 394 11.71 14.75 19.68
N ASP A 395 11.76 16.08 19.56
CA ASP A 395 12.98 16.79 19.87
C ASP A 395 12.63 18.17 20.44
N PRO A 396 13.33 18.62 21.48
CA PRO A 396 13.04 19.94 22.04
C PRO A 396 13.25 21.05 21.03
N ALA A 397 12.40 22.07 21.13
CA ALA A 397 12.54 23.25 20.27
C ALA A 397 13.44 24.30 20.93
N SER A 398 13.09 24.73 22.13
CA SER A 398 13.89 25.70 22.90
C SER A 398 14.07 25.13 24.30
N GLY A 399 15.18 24.45 24.52
CA GLY A 399 15.44 23.82 25.80
C GLY A 399 16.68 22.95 25.72
N THR A 400 16.85 22.14 26.77
CA THR A 400 18.00 21.24 26.85
C THR A 400 17.74 20.20 27.92
N ILE A 401 17.98 18.93 27.58
CA ILE A 401 17.85 17.81 28.51
C ILE A 401 19.24 17.22 28.72
N SER A 402 19.67 17.15 29.98
CA SER A 402 20.99 16.65 30.33
C SER A 402 20.89 15.37 31.13
N LEU A 403 21.80 14.44 30.86
CA LEU A 403 21.85 13.14 31.54
C LEU A 403 23.28 12.94 32.05
N ASP A 404 23.47 13.11 33.36
CA ASP A 404 24.80 13.03 33.97
C ASP A 404 25.77 14.01 33.33
N GLY A 405 25.35 15.28 33.27
CA GLY A 405 26.16 16.31 32.65
C GLY A 405 25.97 16.38 31.15
N HIS A 406 26.35 15.30 30.45
CA HIS A 406 26.19 15.25 29.01
C HIS A 406 24.72 15.15 28.63
N ASP A 407 24.36 15.81 27.53
CA ASP A 407 22.98 15.82 27.07
C ASP A 407 22.66 14.50 26.34
N ILE A 408 21.36 14.27 26.15
CA ILE A 408 20.90 13.06 25.48
C ILE A 408 21.00 13.14 23.97
N ARG A 409 21.30 14.33 23.42
CA ARG A 409 21.38 14.47 21.97
C ARG A 409 22.58 13.70 21.40
N GLN A 410 23.72 13.75 22.09
CA GLN A 410 24.93 13.14 21.55
C GLN A 410 24.96 11.63 21.67
N LEU A 411 24.08 11.05 22.48
CA LEU A 411 24.10 9.62 22.72
C LEU A 411 23.47 8.86 21.56
N ASN A 412 23.90 7.61 21.39
CA ASN A 412 23.30 6.73 20.39
C ASN A 412 21.89 6.36 20.85
N PRO A 413 20.86 6.62 20.03
CA PRO A 413 19.48 6.41 20.52
C PRO A 413 19.17 4.97 20.90
N VAL A 414 19.82 3.98 20.29
CA VAL A 414 19.45 2.59 20.55
C VAL A 414 19.76 2.20 21.98
N TRP A 415 20.98 2.49 22.44
CA TRP A 415 21.36 2.15 23.81
C TRP A 415 20.54 2.94 24.82
N LEU A 416 20.29 4.22 24.54
CA LEU A 416 19.48 5.05 25.43
C LEU A 416 18.07 4.49 25.56
N ARG A 417 17.47 4.08 24.45
CA ARG A 417 16.13 3.50 24.51
C ARG A 417 16.13 2.12 25.13
N SER A 418 17.26 1.41 25.05
CA SER A 418 17.35 0.12 25.71
C SER A 418 17.40 0.26 27.22
N LYS A 419 18.10 1.27 27.73
CA LYS A 419 18.21 1.43 29.18
C LYS A 419 16.92 1.95 29.79
N ILE A 420 16.24 2.87 29.10
CA ILE A 420 14.99 3.43 29.60
C ILE A 420 13.84 2.50 29.22
N GLY A 421 13.09 2.05 30.21
CA GLY A 421 11.95 1.16 29.98
C GLY A 421 10.67 1.76 30.54
N THR A 422 9.59 1.63 29.78
CA THR A 422 8.31 2.23 30.14
C THR A 422 7.23 1.17 30.29
N VAL A 423 6.29 1.44 31.19
CA VAL A 423 5.15 0.56 31.46
C VAL A 423 3.90 1.42 31.50
N SER A 424 2.84 0.97 30.80
CA SER A 424 1.60 1.71 30.74
C SER A 424 0.44 0.82 31.13
N GLN A 425 -0.77 1.40 31.12
CA GLN A 425 -1.96 0.69 31.57
C GLN A 425 -2.68 -0.02 30.43
N GLU A 426 -2.62 0.51 29.20
CA GLU A 426 -3.30 -0.06 28.05
C GLU A 426 -2.28 -0.33 26.97
N PRO A 427 -1.59 -1.47 27.02
CA PRO A 427 -0.46 -1.70 26.12
C PRO A 427 -0.87 -2.36 24.81
N ILE A 428 -0.16 -1.99 23.75
CA ILE A 428 -0.36 -2.62 22.45
C ILE A 428 0.18 -4.03 22.49
N LEU A 429 -0.63 -4.99 22.07
CA LEU A 429 -0.26 -6.41 22.08
C LEU A 429 -0.09 -6.91 20.66
N PHE A 430 1.03 -7.59 20.41
CA PHE A 430 1.33 -8.10 19.09
C PHE A 430 0.72 -9.47 18.89
N SER A 431 0.37 -9.78 17.63
CA SER A 431 -0.27 -11.05 17.28
C SER A 431 0.79 -12.13 17.23
N CYS A 432 1.05 -12.74 18.39
CA CYS A 432 1.96 -13.86 18.50
C CYS A 432 1.68 -14.58 19.81
N SER A 433 2.40 -15.66 20.05
CA SER A 433 2.23 -16.41 21.27
C SER A 433 2.82 -15.66 22.46
N ILE A 434 2.34 -16.01 23.66
CA ILE A 434 2.91 -15.47 24.88
C ILE A 434 4.37 -15.87 25.03
N ALA A 435 4.75 -17.03 24.48
CA ALA A 435 6.13 -17.48 24.54
C ALA A 435 7.08 -16.58 23.74
N GLU A 436 6.54 -15.71 22.91
CA GLU A 436 7.36 -14.80 22.14
C GLU A 436 7.23 -13.35 22.64
N ASN A 437 6.03 -12.93 23.00
CA ASN A 437 5.84 -11.55 23.41
C ASN A 437 6.73 -11.19 24.59
N ILE A 438 6.91 -12.11 25.53
CA ILE A 438 7.81 -11.85 26.65
C ILE A 438 9.26 -11.80 26.18
N ALA A 439 9.61 -12.68 25.24
CA ALA A 439 10.95 -12.65 24.68
C ALA A 439 11.20 -11.43 23.81
N TYR A 440 10.16 -10.67 23.47
CA TYR A 440 10.33 -9.48 22.64
C TYR A 440 11.14 -8.41 23.36
N GLY A 441 11.13 -8.42 24.69
CA GLY A 441 11.89 -7.43 25.42
C GLY A 441 13.39 -7.60 25.28
N ALA A 442 13.86 -8.85 25.28
CA ALA A 442 15.28 -9.12 25.29
C ALA A 442 15.93 -8.68 23.97
N ASP A 443 17.26 -8.58 24.00
CA ASP A 443 17.99 -8.17 22.81
C ASP A 443 17.82 -9.17 21.67
N ASP A 444 17.86 -10.46 21.98
CA ASP A 444 17.67 -11.51 20.99
C ASP A 444 16.42 -12.31 21.34
N PRO A 445 15.30 -12.07 20.66
CA PRO A 445 14.07 -12.84 20.99
C PRO A 445 14.22 -14.33 20.75
N SER A 446 15.13 -14.74 19.86
CA SER A 446 15.32 -16.16 19.60
C SER A 446 16.11 -16.86 20.71
N SER A 447 17.09 -16.16 21.30
CA SER A 447 17.95 -16.75 22.33
C SER A 447 17.33 -16.55 23.71
N VAL A 448 16.27 -17.31 23.98
CA VAL A 448 15.60 -17.30 25.27
C VAL A 448 15.31 -18.74 25.67
N THR A 449 15.50 -19.04 26.94
CA THR A 449 15.18 -20.37 27.45
C THR A 449 13.70 -20.47 27.79
N ALA A 450 13.20 -21.70 27.78
CA ALA A 450 11.79 -21.92 28.08
C ALA A 450 11.46 -21.58 29.53
N GLU A 451 12.36 -21.90 30.45
CA GLU A 451 12.09 -21.67 31.87
C GLU A 451 12.13 -20.20 32.25
N GLU A 452 12.82 -19.36 31.48
CA GLU A 452 12.87 -17.94 31.80
C GLU A 452 11.48 -17.31 31.70
N ILE A 453 10.71 -17.69 30.68
CA ILE A 453 9.37 -17.16 30.52
C ILE A 453 8.50 -17.54 31.72
N GLN A 454 8.59 -18.81 32.14
CA GLN A 454 7.83 -19.27 33.30
C GLN A 454 8.24 -18.55 34.57
N ARG A 455 9.55 -18.34 34.75
CA ARG A 455 10.02 -17.64 35.94
C ARG A 455 9.52 -16.20 35.96
N VAL A 456 9.57 -15.51 34.82
CA VAL A 456 9.11 -14.13 34.77
C VAL A 456 7.60 -14.06 35.00
N ALA A 457 6.86 -15.04 34.48
CA ALA A 457 5.42 -15.09 34.76
C ALA A 457 5.17 -15.32 36.24
N GLU A 458 5.98 -16.17 36.89
CA GLU A 458 5.84 -16.39 38.32
C GLU A 458 6.10 -15.11 39.11
N VAL A 459 7.12 -14.34 38.71
CA VAL A 459 7.42 -13.09 39.39
C VAL A 459 6.25 -12.12 39.28
N ALA A 460 5.66 -12.03 38.09
CA ALA A 460 4.53 -11.15 37.85
C ALA A 460 3.18 -11.80 38.13
N ASN A 461 3.19 -13.03 38.65
CA ASN A 461 1.97 -13.75 39.00
C ASN A 461 1.05 -13.92 37.79
N ALA A 462 1.65 -14.10 36.61
CA ALA A 462 0.91 -14.28 35.37
C ALA A 462 0.72 -15.74 35.00
N VAL A 463 1.21 -16.68 35.83
CA VAL A 463 1.06 -18.10 35.52
C VAL A 463 -0.41 -18.52 35.61
N ALA A 464 -1.22 -17.75 36.32
CA ALA A 464 -2.63 -18.10 36.47
C ALA A 464 -3.35 -18.20 35.13
N PHE A 465 -2.86 -17.52 34.09
CA PHE A 465 -3.47 -17.58 32.78
C PHE A 465 -2.50 -17.95 31.66
N ILE A 466 -1.21 -17.60 31.80
CA ILE A 466 -0.24 -17.91 30.76
C ILE A 466 -0.10 -19.42 30.59
N ARG A 467 0.06 -20.13 31.72
CA ARG A 467 0.18 -21.58 31.65
C ARG A 467 -1.14 -22.23 31.30
N ASN A 468 -2.24 -21.71 31.84
CA ASN A 468 -3.56 -22.33 31.69
C ASN A 468 -4.36 -21.67 30.56
N PHE A 469 -3.82 -21.80 29.33
CA PHE A 469 -4.66 -21.45 28.19
C PHE A 469 -5.27 -22.70 27.56
N PRO A 470 -6.41 -22.57 26.88
CA PRO A 470 -6.92 -23.70 26.10
C PRO A 470 -5.94 -24.17 25.04
N GLN A 471 -5.17 -23.26 24.45
CA GLN A 471 -4.13 -23.60 23.49
C GLN A 471 -2.74 -23.54 24.09
N GLY A 472 -2.63 -23.29 25.40
CA GLY A 472 -1.34 -23.27 26.06
C GLY A 472 -0.54 -22.01 25.74
N PHE A 473 0.78 -22.13 25.88
CA PHE A 473 1.69 -21.01 25.64
C PHE A 473 1.62 -20.50 24.20
N ASN A 474 1.17 -21.31 23.26
CA ASN A 474 1.14 -20.95 21.85
C ASN A 474 -0.19 -20.29 21.45
N THR A 475 -0.89 -19.72 22.42
CA THR A 475 -2.13 -19.01 22.11
C THR A 475 -1.83 -17.72 21.38
N VAL A 476 -2.58 -17.45 20.31
CA VAL A 476 -2.45 -16.20 19.57
C VAL A 476 -3.21 -15.13 20.34
N VAL A 477 -2.50 -14.09 20.76
CA VAL A 477 -3.08 -13.07 21.62
C VAL A 477 -3.30 -11.79 20.81
N GLY A 478 -4.50 -11.24 20.91
CA GLY A 478 -4.84 -10.03 20.20
C GLY A 478 -6.30 -9.71 20.36
N GLU A 479 -6.72 -8.68 19.61
CA GLU A 479 -8.13 -8.29 19.63
C GLU A 479 -9.02 -9.37 19.04
N LYS A 480 -8.48 -10.18 18.13
CA LYS A 480 -9.22 -11.27 17.50
C LYS A 480 -8.90 -12.59 18.19
N GLY A 481 -9.80 -13.55 18.02
CA GLY A 481 -9.62 -14.87 18.61
C GLY A 481 -9.80 -14.89 20.10
N VAL A 482 -8.73 -15.19 20.83
CA VAL A 482 -8.75 -15.26 22.29
C VAL A 482 -8.56 -13.84 22.81
N LEU A 483 -9.64 -13.24 23.30
CA LEU A 483 -9.57 -11.88 23.84
C LEU A 483 -9.13 -11.93 25.29
N LEU A 484 -7.97 -11.35 25.57
CA LEU A 484 -7.43 -11.31 26.92
C LEU A 484 -8.02 -10.14 27.70
N SER A 485 -8.22 -10.35 28.99
CA SER A 485 -8.78 -9.31 29.84
C SER A 485 -7.76 -8.19 30.05
N GLY A 486 -8.26 -7.04 30.51
CA GLY A 486 -7.38 -5.90 30.71
C GLY A 486 -6.31 -6.15 31.74
N GLY A 487 -6.68 -6.77 32.86
CA GLY A 487 -5.69 -7.04 33.90
C GLY A 487 -4.60 -7.99 33.43
N GLN A 488 -4.97 -9.05 32.74
CA GLN A 488 -3.97 -10.00 32.23
C GLN A 488 -3.11 -9.36 31.14
N LYS A 489 -3.73 -8.57 30.25
CA LYS A 489 -2.98 -7.95 29.17
C LYS A 489 -2.11 -6.80 29.67
N GLN A 490 -2.33 -6.32 30.88
CA GLN A 490 -1.40 -5.39 31.51
C GLN A 490 -0.34 -6.10 32.32
N ARG A 491 -0.68 -7.24 32.93
CA ARG A 491 0.32 -8.02 33.64
C ARG A 491 1.36 -8.59 32.70
N ILE A 492 0.95 -8.96 31.48
CA ILE A 492 1.93 -9.43 30.49
C ILE A 492 2.88 -8.31 30.12
N ALA A 493 2.38 -7.08 30.01
CA ALA A 493 3.25 -5.95 29.70
C ALA A 493 4.22 -5.68 30.86
N ILE A 494 3.74 -5.82 32.10
CA ILE A 494 4.62 -5.67 33.25
C ILE A 494 5.72 -6.72 33.21
N ALA A 495 5.36 -7.96 32.88
CA ALA A 495 6.36 -9.02 32.75
C ALA A 495 7.30 -8.80 31.57
N ARG A 496 6.87 -8.03 30.57
CA ARG A 496 7.68 -7.85 29.37
C ARG A 496 8.97 -7.08 29.66
N ALA A 497 8.88 -6.00 30.43
CA ALA A 497 10.02 -5.11 30.61
C ALA A 497 11.04 -5.64 31.61
N LEU A 498 10.75 -6.73 32.31
CA LEU A 498 11.67 -7.21 33.34
C LEU A 498 12.90 -7.85 32.73
N LEU A 499 12.80 -8.35 31.49
CA LEU A 499 13.94 -9.04 30.88
C LEU A 499 15.04 -8.09 30.44
N LYS A 500 14.71 -6.86 30.09
CA LYS A 500 15.72 -5.91 29.63
C LYS A 500 16.37 -5.13 30.77
N ASN A 501 15.89 -5.31 32.01
CA ASN A 501 16.45 -4.67 33.20
C ASN A 501 16.53 -3.16 33.03
N PRO A 502 15.41 -2.45 33.06
CA PRO A 502 15.45 -0.99 32.88
C PRO A 502 15.93 -0.30 34.14
N LYS A 503 16.95 0.55 33.99
CA LYS A 503 17.43 1.35 35.12
C LYS A 503 16.51 2.51 35.46
N ILE A 504 15.66 2.92 34.53
CA ILE A 504 14.67 3.98 34.76
C ILE A 504 13.32 3.46 34.31
N LEU A 505 12.34 3.54 35.20
CA LEU A 505 10.99 3.03 34.94
C LEU A 505 10.01 4.18 34.95
N LEU A 506 9.09 4.17 33.99
CA LEU A 506 8.13 5.26 33.79
C LEU A 506 6.73 4.68 33.78
N LEU A 507 6.07 4.68 34.94
CA LEU A 507 4.75 4.08 35.07
C LEU A 507 3.68 5.02 34.55
N ASP A 508 2.42 4.60 34.66
CA ASP A 508 1.31 5.44 34.23
C ASP A 508 0.03 5.03 34.93
N GLN A 509 -0.91 5.94 35.06
CA GLN A 509 -2.13 5.62 35.80
C GLN A 509 -3.41 5.83 35.00
N ALA A 510 -4.27 4.81 34.96
CA ALA A 510 -5.55 4.97 34.29
C ALA A 510 -6.46 5.87 35.12
N THR A 511 -7.20 6.74 34.46
CA THR A 511 -8.13 7.61 35.17
C THR A 511 -9.33 6.81 35.62
N SER A 512 -9.90 6.01 34.72
CA SER A 512 -11.03 5.18 35.06
C SER A 512 -10.61 4.04 35.99
N ALA A 513 -11.39 3.83 37.06
CA ALA A 513 -11.09 2.78 38.01
C ALA A 513 -11.49 1.42 37.44
N LEU A 514 -10.98 0.37 38.08
CA LEU A 514 -11.27 -1.00 37.65
C LEU A 514 -11.77 -1.85 38.81
N ASP A 515 -11.94 -3.15 38.57
CA ASP A 515 -12.43 -4.04 39.61
C ASP A 515 -11.38 -4.22 40.70
N ALA A 516 -11.84 -4.22 41.95
CA ALA A 516 -10.95 -4.40 43.10
C ALA A 516 -10.66 -5.85 43.42
N GLU A 517 -11.38 -6.80 42.80
CA GLU A 517 -11.14 -8.21 43.08
C GLU A 517 -9.75 -8.63 42.63
N ASN A 518 -9.34 -8.19 41.44
CA ASN A 518 -8.01 -8.50 40.91
C ASN A 518 -7.00 -7.41 41.18
N GLU A 519 -7.37 -6.36 41.92
CA GLU A 519 -6.47 -5.24 42.17
C GLU A 519 -5.23 -5.64 42.95
N TYR A 520 -5.29 -6.73 43.73
CA TYR A 520 -4.13 -7.15 44.50
C TYR A 520 -2.97 -7.55 43.61
N LEU A 521 -3.26 -8.27 42.52
CA LEU A 521 -2.19 -8.71 41.62
C LEU A 521 -1.55 -7.55 40.89
N VAL A 522 -2.37 -6.59 40.43
CA VAL A 522 -1.83 -5.39 39.79
C VAL A 522 -0.98 -4.60 40.78
N GLN A 523 -1.48 -4.45 42.01
CA GLN A 523 -0.71 -3.77 43.04
C GLN A 523 0.54 -4.55 43.45
N GLU A 524 0.64 -5.82 43.05
CA GLU A 524 1.84 -6.61 43.28
C GLU A 524 2.79 -6.61 42.09
N ALA A 525 2.43 -5.96 41.00
CA ALA A 525 3.31 -5.90 39.83
C ALA A 525 3.51 -4.49 39.30
N LEU A 526 2.47 -3.65 39.33
CA LEU A 526 2.59 -2.31 38.75
C LEU A 526 3.48 -1.41 39.59
N ASP A 527 3.29 -1.41 40.90
CA ASP A 527 4.06 -0.57 41.80
C ASP A 527 4.88 -1.38 42.81
N ARG A 528 4.91 -2.70 42.70
CA ARG A 528 5.80 -3.51 43.51
C ARG A 528 7.17 -3.70 42.88
N LEU A 529 7.36 -3.22 41.65
CA LEU A 529 8.63 -3.29 40.95
C LEU A 529 9.60 -2.20 41.41
N MET A 530 9.33 -1.57 42.55
CA MET A 530 10.16 -0.47 43.05
C MET A 530 11.43 -1.05 43.70
N ASP A 531 12.17 -1.82 42.91
CA ASP A 531 13.32 -2.58 43.40
C ASP A 531 14.61 -1.75 43.28
N GLY A 532 14.56 -0.55 43.86
CA GLY A 532 15.70 0.33 43.85
C GLY A 532 15.92 1.08 42.55
N ARG A 533 15.01 0.97 41.59
CA ARG A 533 15.17 1.64 40.32
C ARG A 533 14.67 3.07 40.39
N THR A 534 15.36 3.97 39.69
CA THR A 534 14.90 5.34 39.55
C THR A 534 13.56 5.37 38.81
N VAL A 535 12.48 5.70 39.50
CA VAL A 535 11.13 5.61 38.95
C VAL A 535 10.47 6.97 39.02
N LEU A 536 9.91 7.41 37.90
CA LEU A 536 9.16 8.65 37.80
C LEU A 536 7.70 8.26 37.60
N VAL A 537 7.00 8.02 38.70
CA VAL A 537 5.61 7.57 38.64
C VAL A 537 4.71 8.76 38.40
N ILE A 538 3.89 8.69 37.37
CA ILE A 538 2.90 9.71 37.06
C ILE A 538 1.54 9.14 37.44
N ALA A 539 1.07 9.46 38.64
CA ALA A 539 -0.17 8.90 39.16
C ALA A 539 -0.96 9.99 39.86
N HIS A 540 -2.18 9.63 40.26
CA HIS A 540 -3.08 10.54 40.96
C HIS A 540 -3.48 10.05 42.34
N ARG A 541 -3.27 8.77 42.65
CA ARG A 541 -3.65 8.24 43.95
C ARG A 541 -2.74 8.81 45.04
N LEU A 542 -3.32 8.97 46.23
CA LEU A 542 -2.58 9.52 47.36
C LEU A 542 -1.56 8.54 47.92
N SER A 543 -1.70 7.24 47.64
CA SER A 543 -0.74 6.26 48.13
C SER A 543 0.64 6.51 47.54
N THR A 544 0.71 6.78 46.23
CA THR A 544 2.00 7.10 45.62
C THR A 544 2.54 8.43 46.12
N ILE A 545 1.67 9.40 46.40
CA ILE A 545 2.11 10.67 46.96
C ILE A 545 2.74 10.47 48.32
N LYS A 546 2.12 9.65 49.17
CA LYS A 546 2.63 9.42 50.52
C LYS A 546 3.70 8.35 50.59
N ASN A 547 3.99 7.67 49.48
CA ASN A 547 5.01 6.62 49.48
C ASN A 547 6.13 6.95 48.49
N ALA A 548 6.60 8.20 48.50
CA ALA A 548 7.63 8.62 47.55
C ALA A 548 8.46 9.74 48.18
N ASN A 549 9.49 10.15 47.45
CA ASN A 549 10.39 11.19 47.94
C ASN A 549 9.82 12.57 47.64
N MET A 550 9.64 12.90 46.36
CA MET A 550 9.15 14.20 45.94
C MET A 550 7.81 14.04 45.22
N VAL A 551 6.99 15.08 45.30
CA VAL A 551 5.63 15.04 44.76
C VAL A 551 5.39 16.23 43.84
N ALA A 552 6.44 16.68 43.14
CA ALA A 552 6.39 17.89 42.33
C ALA A 552 5.11 17.98 41.51
N VAL A 553 4.56 19.20 41.43
CA VAL A 553 3.25 19.46 40.85
C VAL A 553 3.42 20.34 39.63
N LEU A 554 2.71 20.01 38.56
CA LEU A 554 2.72 20.78 37.31
C LEU A 554 1.34 21.38 37.07
N ASP A 555 1.31 22.66 36.72
CA ASP A 555 0.04 23.33 36.45
C ASP A 555 0.30 24.53 35.55
N GLN A 556 -0.60 24.76 34.59
CA GLN A 556 -0.53 25.87 33.65
C GLN A 556 0.80 25.87 32.89
N GLY A 557 1.26 24.68 32.52
CA GLY A 557 2.50 24.56 31.77
C GLY A 557 3.73 25.03 32.53
N LYS A 558 3.80 24.75 33.83
CA LYS A 558 4.94 25.16 34.64
C LYS A 558 5.00 24.29 35.89
N ILE A 559 6.17 24.29 36.52
CA ILE A 559 6.40 23.56 37.76
C ILE A 559 6.36 24.55 38.91
N THR A 560 5.47 24.30 39.89
CA THR A 560 5.28 25.20 41.02
C THR A 560 5.99 24.70 42.27
N GLU A 561 5.66 23.49 42.72
CA GLU A 561 6.22 22.92 43.93
C GLU A 561 7.23 21.83 43.59
N TYR A 562 8.37 21.85 44.26
CA TYR A 562 9.42 20.87 44.05
C TYR A 562 10.00 20.42 45.39
N GLY A 563 9.11 20.13 46.34
CA GLY A 563 9.51 19.67 47.66
C GLY A 563 9.08 18.23 47.93
N LYS A 564 9.50 17.75 49.09
CA LYS A 564 9.11 16.42 49.54
C LYS A 564 7.63 16.44 49.97
N HIS A 565 7.15 15.29 50.43
CA HIS A 565 5.74 15.18 50.78
C HIS A 565 5.40 16.01 52.01
N GLU A 566 6.33 16.08 52.97
CA GLU A 566 6.05 16.81 54.21
C GLU A 566 5.86 18.31 53.94
N GLU A 567 6.74 18.89 53.12
CA GLU A 567 6.65 20.32 52.85
C GLU A 567 5.35 20.69 52.14
N LEU A 568 4.93 19.87 51.17
CA LEU A 568 3.70 20.13 50.44
C LEU A 568 2.46 19.66 51.19
N LEU A 569 2.62 18.92 52.29
CA LEU A 569 1.46 18.42 53.02
C LEU A 569 0.65 19.56 53.63
N SER A 570 1.33 20.53 54.24
CA SER A 570 0.67 21.67 54.87
C SER A 570 0.77 22.86 53.92
N LYS A 571 -0.15 22.91 52.96
CA LYS A 571 -0.18 23.99 52.00
C LYS A 571 -0.53 25.31 52.68
N PRO A 572 0.02 26.43 52.21
CA PRO A 572 -0.34 27.72 52.80
C PRO A 572 -1.82 28.04 52.71
N ASN A 573 -2.48 27.63 51.65
CA ASN A 573 -3.93 27.85 51.47
C ASN A 573 -4.62 26.50 51.54
N GLY A 574 -4.99 26.11 52.76
CA GLY A 574 -5.66 24.84 52.99
C GLY A 574 -4.90 23.92 53.92
#